data_8EB3
#
_entry.id   8EB3
#
_cell.length_a   53.002
_cell.length_b   95.985
_cell.length_c   57.074
_cell.angle_alpha   90.000
_cell.angle_beta   112.970
_cell.angle_gamma   90.000
#
_symmetry.space_group_name_H-M   'P 1 21 1'
#
loop_
_entity.id
_entity.type
_entity.pdbx_description
1 polymer 'Glutamate racemase'
2 non-polymer GLYCEROL
3 non-polymer 'DIMETHYL SULFOXIDE'
4 non-polymer 1-[4-methyl-2-(pyridin-4-yl)-1,3-thiazol-5-yl]methanamine
5 non-polymer 'D-GLUTAMIC ACID'
6 non-polymer 'CHLORIDE ION'
7 water water
#
_entity_poly.entity_id   1
_entity_poly.type   'polypeptide(L)'
_entity_poly.pdbx_seq_one_letter_code
;PRGSHMKIGVFDSGVGGFSVLKSLLKAQIFDKIIYYGDSARVPYGTKDPTTIKQFGLEALDFFKPHKIELLIVACNTASA
LALEEMQKHSKIPIVGVIEPSILAIKQQVKDKNAPILVLGTKATIQSNAYDNALKQQGYLNVSHLATSLFVPLIEENILE
GELLETCMRYYFTPLEILPEVVILGCTHFPLIAQKIEGYFMEHFALSTPPLLIHSGDAIVEYLQQKYTLKKNACTFPKVE
FHASGDVVWLEKQAKEWLKL
;
_entity_poly.pdbx_strand_id   A,B
#
# COMPACT_ATOMS: atom_id res chain seq x y z
N PRO A 1 0.04 -36.12 13.83
CA PRO A 1 -0.81 -36.98 14.64
C PRO A 1 -2.30 -36.89 14.28
N ARG A 2 -2.85 -35.69 14.07
CA ARG A 2 -4.32 -35.54 13.86
C ARG A 2 -4.69 -35.95 12.44
N GLY A 3 -5.99 -36.06 12.15
CA GLY A 3 -6.47 -36.52 10.84
C GLY A 3 -6.43 -35.46 9.78
N SER A 4 -7.45 -34.61 9.68
CA SER A 4 -7.53 -33.59 8.62
C SER A 4 -7.08 -34.22 7.31
N MET A 6 -8.71 -32.21 3.51
CA MET A 6 -8.72 -32.31 2.03
C MET A 6 -8.98 -30.92 1.43
N LYS A 7 -10.07 -30.23 1.77
CA LYS A 7 -10.27 -28.86 1.33
C LYS A 7 -9.72 -27.86 2.33
N ILE A 8 -8.80 -27.02 1.84
CA ILE A 8 -8.01 -26.07 2.63
C ILE A 8 -8.39 -24.65 2.23
N GLY A 9 -8.28 -23.72 3.17
CA GLY A 9 -8.30 -22.30 2.84
C GLY A 9 -6.94 -21.69 3.05
N VAL A 10 -6.61 -20.69 2.24
CA VAL A 10 -5.42 -19.86 2.40
C VAL A 10 -5.87 -18.40 2.39
N PHE A 11 -5.58 -17.68 3.46
CA PHE A 11 -5.91 -16.25 3.56
C PHE A 11 -4.64 -15.43 3.47
N ASP A 12 -4.67 -14.38 2.65
CA ASP A 12 -3.62 -13.37 2.63
C ASP A 12 -4.25 -12.00 2.40
N SER A 13 -3.48 -10.95 2.70
CA SER A 13 -3.93 -9.60 2.41
C SER A 13 -4.06 -9.35 0.92
N GLY A 14 -3.30 -10.07 0.09
CA GLY A 14 -3.32 -9.83 -1.33
C GLY A 14 -2.76 -10.95 -2.17
N VAL A 15 -1.70 -10.65 -2.93
CA VAL A 15 -0.99 -11.60 -3.84
C VAL A 15 0.29 -12.11 -3.15
N GLY A 16 0.72 -11.51 -2.04
CA GLY A 16 1.89 -12.02 -1.34
C GLY A 16 1.75 -13.48 -0.93
N GLY A 17 0.54 -13.87 -0.53
CA GLY A 17 0.35 -15.23 -0.05
C GLY A 17 0.61 -16.29 -1.11
N PHE A 18 0.79 -15.89 -2.37
CA PHE A 18 1.15 -16.83 -3.41
C PHE A 18 2.51 -17.48 -3.14
N SER A 19 3.36 -16.84 -2.32
CA SER A 19 4.62 -17.48 -1.93
C SER A 19 4.37 -18.65 -0.99
N VAL A 20 3.30 -18.58 -0.20
CA VAL A 20 2.89 -19.72 0.62
C VAL A 20 2.16 -20.75 -0.23
N LEU A 21 1.26 -20.30 -1.11
CA LEU A 21 0.57 -21.22 -2.00
C LEU A 21 1.55 -22.03 -2.84
N LYS A 22 2.64 -21.41 -3.28
CA LYS A 22 3.66 -22.14 -4.04
C LYS A 22 4.21 -23.30 -3.24
N SER A 23 4.57 -23.04 -1.97
CA SER A 23 5.04 -24.13 -1.12
C SER A 23 3.99 -25.21 -0.94
N LEU A 24 2.76 -24.82 -0.65
CA LEU A 24 1.70 -25.81 -0.52
C LEU A 24 1.56 -26.64 -1.79
N LEU A 25 1.52 -25.97 -2.95
CA LEU A 25 1.31 -26.70 -4.19
C LEU A 25 2.47 -27.64 -4.51
N LYS A 26 3.70 -27.20 -4.23
CA LYS A 26 4.86 -28.03 -4.50
C LYS A 26 4.91 -29.26 -3.60
N ALA A 27 4.44 -29.14 -2.36
CA ALA A 27 4.44 -30.26 -1.44
C ALA A 27 3.42 -31.31 -1.84
N GLN A 28 2.40 -30.90 -2.57
CA GLN A 28 1.32 -31.76 -3.04
C GLN A 28 0.67 -32.52 -1.90
N ILE A 29 0.31 -31.79 -0.85
CA ILE A 29 -0.26 -32.39 0.36
C ILE A 29 -1.77 -32.25 0.42
N PHE A 30 -2.34 -31.27 -0.28
CA PHE A 30 -3.77 -31.00 -0.20
C PHE A 30 -4.36 -31.12 -1.60
N ASP A 31 -5.62 -31.57 -1.69
CA ASP A 31 -6.28 -31.72 -2.97
C ASP A 31 -7.15 -30.53 -3.36
N LYS A 32 -7.54 -29.69 -2.42
CA LYS A 32 -8.41 -28.55 -2.71
C LYS A 32 -8.04 -27.39 -1.81
N ILE A 33 -7.78 -26.24 -2.42
CA ILE A 33 -7.32 -25.05 -1.72
C ILE A 33 -8.17 -23.88 -2.20
N ILE A 34 -8.70 -23.13 -1.25
CA ILE A 34 -9.45 -21.92 -1.55
C ILE A 34 -8.57 -20.78 -1.08
N TYR A 35 -8.07 -20.02 -2.05
CA TYR A 35 -7.21 -18.88 -1.77
C TYR A 35 -8.06 -17.62 -1.76
N TYR A 36 -7.89 -16.80 -0.74
CA TYR A 36 -8.57 -15.52 -0.64
C TYR A 36 -7.54 -14.44 -0.31
N GLY A 37 -7.42 -13.47 -1.19
CA GLY A 37 -6.56 -12.32 -0.98
C GLY A 37 -7.42 -11.08 -0.85
N ASP A 38 -7.17 -10.31 0.20
CA ASP A 38 -7.96 -9.12 0.49
C ASP A 38 -7.43 -7.95 -0.32
N SER A 39 -7.34 -8.15 -1.64
CA SER A 39 -6.64 -7.21 -2.50
C SER A 39 -7.28 -5.84 -2.55
N ALA A 40 -8.54 -5.70 -2.13
CA ALA A 40 -9.13 -4.38 -2.01
C ALA A 40 -8.49 -3.54 -0.91
N ARG A 41 -7.91 -4.18 0.10
CA ARG A 41 -7.43 -3.47 1.28
C ARG A 41 -5.93 -3.63 1.50
N VAL A 42 -5.26 -4.47 0.73
CA VAL A 42 -3.81 -4.65 0.86
C VAL A 42 -3.13 -3.30 0.72
N PRO A 43 -2.05 -3.00 1.44
CA PRO A 43 -1.31 -3.84 2.39
C PRO A 43 -1.89 -3.79 3.81
N TYR A 44 -1.63 -4.82 4.61
CA TYR A 44 -1.98 -4.79 6.03
C TYR A 44 -0.87 -4.19 6.87
N GLY A 45 0.38 -4.32 6.41
CA GLY A 45 1.55 -4.07 7.25
C GLY A 45 1.75 -2.62 7.66
N THR A 46 1.06 -1.68 7.00
CA THR A 46 1.21 -0.26 7.27
C THR A 46 0.10 0.25 8.17
N LYS A 47 -0.78 -0.63 8.63
CA LYS A 47 -1.98 -0.33 9.38
C LYS A 47 -1.87 -0.83 10.81
N ASP A 48 -2.91 -0.57 11.59
CA ASP A 48 -2.88 -0.69 13.05
C ASP A 48 -3.48 -2.01 13.49
N PRO A 49 -3.12 -2.48 14.69
CA PRO A 49 -3.61 -3.79 15.14
C PRO A 49 -5.12 -3.94 15.10
N THR A 50 -5.86 -2.89 15.51
CA THR A 50 -7.31 -2.97 15.52
C THR A 50 -7.85 -3.20 14.11
N THR A 51 -7.35 -2.44 13.13
CA THR A 51 -7.79 -2.63 11.76
C THR A 51 -7.46 -4.03 11.27
N ILE A 52 -6.26 -4.51 11.59
CA ILE A 52 -5.80 -5.80 11.08
C ILE A 52 -6.57 -6.93 11.74
N LYS A 53 -6.77 -6.85 13.05
CA LYS A 53 -7.56 -7.87 13.74
C LYS A 53 -8.95 -7.98 13.13
N GLN A 54 -9.60 -6.84 12.88
CA GLN A 54 -10.90 -6.84 12.24
C GLN A 54 -10.82 -7.46 10.83
N PHE A 55 -9.76 -7.16 10.08
CA PHE A 55 -9.62 -7.77 8.76
C PHE A 55 -9.55 -9.30 8.85
N GLY A 56 -8.80 -9.80 9.85
CA GLY A 56 -8.72 -11.24 10.02
C GLY A 56 -10.06 -11.87 10.33
N LEU A 57 -10.85 -11.23 11.20
CA LEU A 57 -12.16 -11.76 11.54
C LEU A 57 -13.09 -11.77 10.32
N GLU A 58 -13.00 -10.74 9.48
CA GLU A 58 -13.82 -10.71 8.26
C GLU A 58 -13.37 -11.76 7.26
N ALA A 59 -12.09 -12.12 7.26
CA ALA A 59 -11.62 -13.21 6.41
C ALA A 59 -12.31 -14.52 6.80
N LEU A 60 -12.53 -14.73 8.09
CA LEU A 60 -13.26 -15.90 8.55
C LEU A 60 -14.67 -15.93 7.94
N ASP A 61 -15.36 -14.79 7.95
CA ASP A 61 -16.70 -14.75 7.37
C ASP A 61 -16.66 -15.16 5.90
N PHE A 62 -15.61 -14.77 5.17
CA PHE A 62 -15.50 -15.15 3.78
C PHE A 62 -15.45 -16.67 3.61
N PHE A 63 -14.69 -17.36 4.47
CA PHE A 63 -14.44 -18.77 4.29
C PHE A 63 -15.58 -19.64 4.79
N LYS A 64 -16.43 -19.10 5.66
CA LYS A 64 -17.46 -19.93 6.28
C LYS A 64 -18.30 -20.68 5.26
N PRO A 65 -18.78 -20.07 4.17
CA PRO A 65 -19.56 -20.83 3.19
C PRO A 65 -18.76 -21.83 2.37
N HIS A 66 -17.43 -21.89 2.52
CA HIS A 66 -16.64 -22.79 1.69
C HIS A 66 -16.32 -24.09 2.40
N LYS A 67 -16.81 -24.28 3.62
CA LYS A 67 -16.66 -25.55 4.32
C LYS A 67 -15.21 -26.01 4.22
N ILE A 68 -14.30 -25.16 4.63
CA ILE A 68 -12.91 -25.59 4.70
C ILE A 68 -12.67 -26.30 6.04
N GLU A 69 -11.63 -27.13 6.05
CA GLU A 69 -11.32 -27.93 7.22
C GLU A 69 -10.12 -27.38 7.97
N LEU A 70 -9.36 -26.50 7.34
CA LEU A 70 -8.18 -25.88 7.91
C LEU A 70 -7.93 -24.58 7.16
N LEU A 71 -7.66 -23.51 7.90
CA LEU A 71 -7.35 -22.21 7.32
C LEU A 71 -5.88 -21.90 7.59
N ILE A 72 -5.14 -21.71 6.52
CA ILE A 72 -3.79 -21.17 6.59
C ILE A 72 -3.87 -19.66 6.46
N VAL A 73 -3.29 -18.95 7.43
CA VAL A 73 -3.08 -17.52 7.33
C VAL A 73 -1.69 -17.32 6.74
N ALA A 74 -1.63 -17.14 5.42
CA ALA A 74 -0.34 -16.98 4.76
C ALA A 74 0.30 -15.65 5.10
N CYS A 75 -0.51 -14.68 5.52
CA CYS A 75 -0.03 -13.32 5.78
C CYS A 75 0.67 -13.30 7.12
N ASN A 76 1.96 -12.93 7.11
CA ASN A 76 2.68 -12.79 8.37
C ASN A 76 2.11 -11.67 9.24
N THR A 77 1.53 -10.63 8.62
CA THR A 77 0.98 -9.53 9.40
C THR A 77 -0.30 -9.96 10.12
N ALA A 78 -1.25 -10.53 9.37
CA ALA A 78 -2.44 -11.08 10.01
C ALA A 78 -2.08 -12.16 11.02
N SER A 79 -1.11 -13.01 10.70
CA SER A 79 -0.67 -14.02 11.66
C SER A 79 -0.21 -13.36 12.96
N ALA A 80 0.56 -12.28 12.85
CA ALA A 80 1.15 -11.65 14.02
C ALA A 80 0.13 -10.89 14.83
N LEU A 81 -0.88 -10.30 14.17
CA LEU A 81 -1.81 -9.41 14.83
C LEU A 81 -3.18 -10.00 15.06
N ALA A 82 -3.64 -10.90 14.21
CA ALA A 82 -5.04 -11.31 14.21
C ALA A 82 -5.22 -12.77 14.60
N LEU A 83 -4.15 -13.57 14.63
CA LEU A 83 -4.30 -15.01 14.75
C LEU A 83 -5.06 -15.38 16.03
N GLU A 84 -4.69 -14.78 17.16
CA GLU A 84 -5.33 -15.17 18.42
C GLU A 84 -6.84 -14.86 18.35
N GLU A 85 -7.21 -13.70 17.82
CA GLU A 85 -8.64 -13.37 17.67
C GLU A 85 -9.33 -14.28 16.64
N MET A 86 -8.67 -14.57 15.51
CA MET A 86 -9.27 -15.49 14.55
C MET A 86 -9.51 -16.84 15.21
N GLN A 87 -8.55 -17.35 15.99
CA GLN A 87 -8.63 -18.69 16.65
C GLN A 87 -9.87 -18.71 17.56
N LYS A 88 -10.06 -17.69 18.39
CA LYS A 88 -11.19 -17.65 19.31
C LYS A 88 -12.54 -17.54 18.63
N HIS A 89 -12.62 -16.86 17.48
CA HIS A 89 -13.91 -16.72 16.83
C HIS A 89 -14.23 -17.77 15.77
N SER A 90 -13.38 -18.79 15.56
CA SER A 90 -13.64 -19.71 14.46
C SER A 90 -13.71 -21.11 15.07
N LYS A 91 -14.57 -21.97 14.51
CA LYS A 91 -14.64 -23.37 14.90
C LYS A 91 -13.69 -24.26 14.10
N ILE A 92 -12.95 -23.73 13.14
CA ILE A 92 -12.01 -24.55 12.39
C ILE A 92 -10.57 -24.21 12.76
N PRO A 93 -9.63 -25.13 12.55
CA PRO A 93 -8.23 -24.82 12.85
C PRO A 93 -7.67 -23.74 11.95
N ILE A 94 -6.93 -22.82 12.58
CA ILE A 94 -6.20 -21.76 11.89
C ILE A 94 -4.73 -21.87 12.22
N VAL A 95 -3.89 -22.00 11.21
CA VAL A 95 -2.45 -22.13 11.36
C VAL A 95 -1.84 -20.89 10.70
N GLY A 96 -1.06 -20.12 11.47
CA GLY A 96 -0.34 -19.00 10.92
C GLY A 96 1.07 -19.37 10.49
N VAL A 97 1.77 -18.38 9.97
CA VAL A 97 3.09 -18.60 9.39
C VAL A 97 4.20 -18.15 10.32
N ILE A 98 3.85 -17.75 11.54
CA ILE A 98 4.83 -17.33 12.52
C ILE A 98 5.31 -18.50 13.35
N GLU A 99 4.37 -19.11 14.05
CA GLU A 99 4.68 -20.22 14.94
C GLU A 99 5.46 -21.31 14.20
N PRO A 100 5.08 -21.69 12.96
CA PRO A 100 5.85 -22.72 12.23
C PRO A 100 7.30 -22.36 12.00
N SER A 101 7.59 -21.07 11.78
CA SER A 101 8.96 -20.62 11.61
C SER A 101 9.76 -20.73 12.90
N ILE A 102 9.11 -20.54 14.05
CA ILE A 102 9.79 -20.73 15.32
C ILE A 102 10.26 -22.18 15.48
N LEU A 103 9.33 -23.13 15.26
CA LEU A 103 9.69 -24.55 15.27
C LEU A 103 10.84 -24.87 14.31
N ALA A 104 10.75 -24.37 13.07
CA ALA A 104 11.81 -24.62 12.11
C ALA A 104 13.16 -24.14 12.63
N ILE A 105 13.19 -23.01 13.34
CA ILE A 105 14.45 -22.49 13.85
C ILE A 105 14.98 -23.41 14.95
N LYS A 106 14.11 -23.80 15.88
CA LYS A 106 14.50 -24.77 16.90
C LYS A 106 15.19 -25.97 16.28
N GLN A 107 14.64 -26.49 15.18
CA GLN A 107 15.18 -27.69 14.54
C GLN A 107 16.45 -27.41 13.75
N GLN A 108 16.62 -26.19 13.25
CA GLN A 108 17.72 -25.85 12.34
C GLN A 108 18.77 -24.96 12.98
N VAL A 109 18.58 -24.50 14.21
CA VAL A 109 19.49 -23.58 14.87
C VAL A 109 19.74 -24.09 16.30
N LYS A 110 20.78 -24.91 16.44
CA LYS A 110 21.09 -25.50 17.74
C LYS A 110 21.85 -24.52 18.63
N ASP A 111 22.49 -23.50 18.05
CA ASP A 111 23.17 -22.42 18.82
C ASP A 111 22.05 -21.47 19.28
N LYS A 112 21.67 -21.50 20.56
CA LYS A 112 20.57 -20.66 21.12
C LYS A 112 21.08 -19.20 21.22
N ASN A 113 22.39 -18.95 21.06
CA ASN A 113 22.99 -17.59 21.09
C ASN A 113 23.17 -17.06 19.67
N ALA A 114 22.83 -17.84 18.63
CA ALA A 114 23.08 -17.44 17.23
C ALA A 114 22.36 -16.10 16.95
N PRO A 115 22.99 -15.09 16.31
CA PRO A 115 22.27 -13.86 15.96
C PRO A 115 21.12 -14.22 14.99
N ILE A 116 19.87 -13.85 15.26
CA ILE A 116 18.74 -14.01 14.35
C ILE A 116 18.24 -12.63 13.95
N LEU A 117 17.91 -12.46 12.67
CA LEU A 117 17.33 -11.24 12.16
C LEU A 117 15.94 -11.45 11.61
N VAL A 118 14.94 -10.80 12.24
CA VAL A 118 13.52 -10.84 11.82
C VAL A 118 13.32 -9.68 10.86
N LEU A 119 12.81 -9.88 9.66
CA LEU A 119 12.38 -8.88 8.70
C LEU A 119 10.88 -9.02 8.52
N GLY A 120 10.17 -7.91 8.54
CA GLY A 120 8.75 -7.96 8.27
C GLY A 120 8.18 -6.59 8.00
N THR A 121 6.86 -6.53 7.94
CA THR A 121 6.15 -5.28 7.86
C THR A 121 6.30 -4.50 9.16
N LYS A 122 5.92 -3.23 9.11
CA LYS A 122 5.89 -2.43 10.33
C LYS A 122 5.00 -3.08 11.38
N ALA A 123 3.79 -3.49 10.99
CA ALA A 123 2.86 -4.07 11.95
C ALA A 123 3.42 -5.36 12.55
N THR A 124 3.99 -6.23 11.72
CA THR A 124 4.56 -7.48 12.23
C THR A 124 5.66 -7.20 13.24
N ILE A 125 6.58 -6.29 12.89
CA ILE A 125 7.72 -6.03 13.74
C ILE A 125 7.28 -5.30 15.01
N GLN A 126 6.32 -4.37 14.90
CA GLN A 126 5.88 -3.67 16.09
C GLN A 126 5.07 -4.57 17.01
N SER A 127 4.58 -5.71 16.52
CA SER A 127 3.87 -6.61 17.42
C SER A 127 4.83 -7.39 18.31
N ASN A 128 6.11 -7.48 17.91
CA ASN A 128 7.11 -8.30 18.61
C ASN A 128 6.72 -9.76 18.67
N ALA A 129 5.82 -10.19 17.77
CA ALA A 129 5.36 -11.58 17.77
C ALA A 129 6.53 -12.55 17.64
N TYR A 130 7.44 -12.28 16.69
CA TYR A 130 8.55 -13.20 16.49
C TYR A 130 9.55 -13.15 17.65
N ASP A 131 9.86 -11.95 18.14
CA ASP A 131 10.81 -11.82 19.26
C ASP A 131 10.32 -12.59 20.48
N ASN A 132 9.05 -12.40 20.84
CA ASN A 132 8.51 -13.05 22.01
C ASN A 132 8.58 -14.57 21.87
N ALA A 133 8.17 -15.09 20.71
CA ALA A 133 8.11 -16.53 20.54
C ALA A 133 9.52 -17.13 20.59
N LEU A 134 10.48 -16.43 20.00
CA LEU A 134 11.87 -16.89 20.02
C LEU A 134 12.41 -16.86 21.44
N LYS A 135 12.17 -15.77 22.16
CA LYS A 135 12.61 -15.70 23.55
C LYS A 135 12.00 -16.84 24.36
N GLN A 136 10.72 -17.13 24.14
CA GLN A 136 10.06 -18.21 24.87
C GLN A 136 10.80 -19.54 24.67
N GLN A 137 11.38 -19.75 23.48
CA GLN A 137 12.17 -20.93 23.15
C GLN A 137 13.64 -20.80 23.51
N GLY A 138 14.01 -19.80 24.29
CA GLY A 138 15.34 -19.67 24.83
C GLY A 138 16.36 -18.98 23.95
N TYR A 139 15.97 -18.49 22.78
CA TYR A 139 16.89 -17.71 21.97
C TYR A 139 17.05 -16.32 22.56
N LEU A 140 18.29 -15.82 22.57
CA LEU A 140 18.64 -14.68 23.38
C LEU A 140 19.13 -13.50 22.57
N ASN A 141 19.44 -13.70 21.28
CA ASN A 141 20.09 -12.69 20.45
C ASN A 141 19.25 -12.52 19.18
N VAL A 142 18.09 -11.89 19.32
CA VAL A 142 17.14 -11.76 18.22
C VAL A 142 17.01 -10.27 17.98
N SER A 143 17.28 -9.85 16.76
CA SER A 143 17.02 -8.51 16.27
C SER A 143 15.89 -8.53 15.25
N HIS A 144 15.20 -7.39 15.14
CA HIS A 144 14.10 -7.24 14.20
C HIS A 144 14.29 -5.98 13.37
N LEU A 145 13.66 -5.98 12.20
CA LEU A 145 13.79 -4.89 11.23
C LEU A 145 12.57 -4.82 10.33
N ALA A 146 11.89 -3.67 10.34
CA ALA A 146 10.72 -3.42 9.52
C ALA A 146 11.14 -2.88 8.15
N THR A 147 11.08 -3.73 7.13
CA THR A 147 11.46 -3.35 5.77
C THR A 147 10.20 -3.11 4.93
N SER A 148 9.48 -2.07 5.31
CA SER A 148 8.14 -1.83 4.77
C SER A 148 8.14 -1.71 3.25
N LEU A 149 9.11 -0.99 2.69
CA LEU A 149 9.08 -0.68 1.27
C LEU A 149 9.40 -1.87 0.37
N PHE A 150 9.86 -2.99 0.91
CA PHE A 150 10.07 -4.17 0.08
C PHE A 150 8.75 -4.63 -0.55
N VAL A 151 7.65 -4.56 0.19
CA VAL A 151 6.35 -4.99 -0.30
C VAL A 151 6.00 -4.27 -1.59
N PRO A 152 5.84 -2.94 -1.59
CA PRO A 152 5.47 -2.28 -2.85
C PRO A 152 6.51 -2.44 -3.95
N LEU A 153 7.80 -2.44 -3.60
CA LEU A 153 8.83 -2.70 -4.60
C LEU A 153 8.64 -4.06 -5.27
N ILE A 154 8.38 -5.09 -4.48
CA ILE A 154 8.24 -6.44 -5.03
C ILE A 154 6.99 -6.54 -5.88
N GLU A 155 5.91 -5.91 -5.45
CA GLU A 155 4.66 -5.91 -6.20
C GLU A 155 4.77 -5.14 -7.52
N GLU A 156 5.71 -4.22 -7.64
CA GLU A 156 5.98 -3.59 -8.93
C GLU A 156 6.99 -4.37 -9.76
N ASN A 157 7.27 -5.63 -9.40
CA ASN A 157 8.19 -6.57 -10.13
C ASN A 157 9.61 -6.00 -10.11
N ILE A 158 10.01 -5.21 -9.12
CA ILE A 158 11.36 -4.68 -8.94
C ILE A 158 12.16 -5.68 -8.12
N LEU A 159 12.71 -6.69 -8.78
CA LEU A 159 13.41 -7.77 -8.11
C LEU A 159 14.91 -7.68 -8.28
N GLU A 160 15.42 -6.63 -8.92
CA GLU A 160 16.86 -6.45 -9.15
C GLU A 160 17.11 -4.97 -9.35
N GLY A 161 18.38 -4.60 -9.46
CA GLY A 161 18.72 -3.25 -9.86
C GLY A 161 19.06 -2.33 -8.71
N GLU A 162 19.35 -1.07 -9.09
CA GLU A 162 19.84 -0.10 -8.11
C GLU A 162 18.75 0.29 -7.13
N LEU A 163 17.49 0.29 -7.55
CA LEU A 163 16.36 0.69 -6.67
C LEU A 163 16.17 -0.40 -5.58
N LEU A 164 16.29 -1.70 -5.89
CA LEU A 164 16.24 -2.73 -4.86
C LEU A 164 17.48 -2.68 -3.98
N GLU A 165 18.65 -2.58 -4.59
CA GLU A 165 19.89 -2.52 -3.84
C GLU A 165 19.90 -1.32 -2.89
N THR A 166 19.42 -0.17 -3.36
CA THR A 166 19.38 1.02 -2.52
C THR A 166 18.40 0.86 -1.37
N CYS A 167 17.26 0.21 -1.61
CA CYS A 167 16.28 0.03 -0.54
C CYS A 167 16.84 -0.90 0.53
N MET A 168 17.58 -1.93 0.11
CA MET A 168 18.27 -2.77 1.09
C MET A 168 19.32 -1.98 1.85
N ARG A 169 20.12 -1.18 1.15
CA ARG A 169 21.07 -0.34 1.85
C ARG A 169 20.36 0.52 2.88
N TYR A 170 19.27 1.20 2.48
CA TYR A 170 18.53 2.05 3.40
C TYR A 170 18.16 1.32 4.69
N TYR A 171 17.65 0.09 4.58
CA TYR A 171 17.15 -0.62 5.74
C TYR A 171 18.20 -1.43 6.48
N PHE A 172 19.19 -1.97 5.78
CA PHE A 172 20.13 -2.89 6.39
C PHE A 172 21.33 -2.17 6.99
N THR A 173 21.79 -1.10 6.34
CA THR A 173 22.95 -0.35 6.83
C THR A 173 22.93 -0.09 8.33
N PRO A 174 21.83 0.37 8.94
CA PRO A 174 21.87 0.59 10.40
C PRO A 174 22.06 -0.68 11.22
N LEU A 175 21.91 -1.87 10.65
CA LEU A 175 22.00 -3.09 11.45
C LEU A 175 23.35 -3.16 12.16
N GLU A 176 23.31 -3.58 13.43
CA GLU A 176 24.51 -3.75 14.25
C GLU A 176 25.13 -5.14 14.15
N ILE A 177 24.34 -6.17 14.41
CA ILE A 177 24.80 -7.56 14.48
C ILE A 177 24.75 -8.18 13.09
N LEU A 178 25.77 -8.97 12.76
CA LEU A 178 25.74 -9.76 11.53
C LEU A 178 24.94 -11.02 11.76
N PRO A 179 23.81 -11.20 11.07
CA PRO A 179 22.93 -12.35 11.36
C PRO A 179 23.50 -13.67 10.89
N GLU A 180 23.16 -14.75 11.62
CA GLU A 180 23.46 -16.15 11.21
C GLU A 180 22.13 -16.76 10.75
N VAL A 181 20.97 -16.26 11.20
CA VAL A 181 19.61 -16.66 10.72
C VAL A 181 18.95 -15.38 10.19
N VAL A 182 18.12 -15.41 9.16
CA VAL A 182 17.39 -14.22 8.61
C VAL A 182 15.95 -14.69 8.34
N ILE A 183 14.98 -14.32 9.16
CA ILE A 183 13.58 -14.70 9.01
C ILE A 183 12.90 -13.78 8.01
N LEU A 184 12.43 -14.35 6.90
CA LEU A 184 11.58 -13.65 5.94
C LEU A 184 10.17 -13.62 6.52
N GLY A 185 9.96 -12.72 7.47
CA GLY A 185 8.69 -12.66 8.15
C GLY A 185 7.65 -11.85 7.40
N CYS A 186 7.60 -11.97 6.08
CA CYS A 186 6.62 -11.28 5.22
C CYS A 186 6.42 -12.16 3.98
N THR A 187 5.19 -12.32 3.52
CA THR A 187 4.88 -13.12 2.34
C THR A 187 5.73 -12.73 1.15
N HIS A 188 6.04 -11.43 1.01
CA HIS A 188 6.69 -10.93 -0.19
C HIS A 188 8.16 -11.32 -0.26
N PHE A 189 8.85 -11.42 0.89
CA PHE A 189 10.31 -11.36 0.87
C PHE A 189 10.97 -12.61 0.28
N PRO A 190 10.29 -13.76 0.20
CA PRO A 190 10.90 -14.88 -0.52
C PRO A 190 11.27 -14.54 -1.95
N LEU A 191 10.62 -13.56 -2.57
CA LEU A 191 10.91 -13.25 -3.96
C LEU A 191 12.23 -12.51 -4.14
N ILE A 192 12.85 -12.05 -3.05
CA ILE A 192 14.16 -11.41 -3.05
C ILE A 192 15.13 -12.12 -2.12
N ALA A 193 14.84 -13.36 -1.75
CA ALA A 193 15.66 -14.10 -0.80
C ALA A 193 17.13 -14.15 -1.21
N GLN A 194 17.43 -14.47 -2.48
CA GLN A 194 18.82 -14.49 -2.90
C GLN A 194 19.48 -13.12 -2.75
N LYS A 195 18.78 -12.05 -3.13
CA LYS A 195 19.35 -10.72 -2.94
C LYS A 195 19.58 -10.40 -1.46
N ILE A 196 18.66 -10.79 -0.58
CA ILE A 196 18.91 -10.53 0.84
C ILE A 196 20.11 -11.33 1.33
N GLU A 197 20.21 -12.60 0.91
CA GLU A 197 21.39 -13.37 1.28
C GLU A 197 22.65 -12.75 0.71
N GLY A 198 22.61 -12.38 -0.58
CA GLY A 198 23.76 -11.80 -1.23
C GLY A 198 24.15 -10.43 -0.69
N TYR A 199 23.23 -9.69 -0.07
CA TYR A 199 23.54 -8.35 0.53
C TYR A 199 24.36 -8.59 1.80
N PHE A 200 23.84 -9.35 2.76
CA PHE A 200 24.50 -9.59 4.08
C PHE A 200 25.89 -10.21 3.84
N MET A 201 26.06 -11.01 2.78
CA MET A 201 27.37 -11.64 2.45
C MET A 201 28.28 -10.60 1.77
N GLU A 202 27.76 -9.77 0.86
CA GLU A 202 28.58 -8.82 0.04
C GLU A 202 28.94 -7.55 0.81
N HIS A 203 28.27 -7.25 1.92
CA HIS A 203 28.49 -6.04 2.77
C HIS A 203 29.01 -6.54 4.14
N PHE A 204 29.67 -7.70 4.19
CA PHE A 204 30.33 -8.26 5.42
C PHE A 204 31.05 -9.58 5.09
N PRO A 209 26.46 -17.82 3.48
CA PRO A 209 25.29 -16.94 3.65
C PRO A 209 24.51 -17.22 4.94
N PRO A 210 23.60 -16.34 5.45
CA PRO A 210 22.79 -16.68 6.64
C PRO A 210 21.73 -17.77 6.35
N LEU A 211 21.20 -18.46 7.37
CA LEU A 211 20.10 -19.48 7.21
C LEU A 211 18.77 -18.73 6.98
N LEU A 212 18.30 -18.59 5.74
CA LEU A 212 17.04 -17.86 5.42
C LEU A 212 15.82 -18.76 5.76
N ILE A 213 14.94 -18.36 6.70
CA ILE A 213 13.72 -19.05 7.06
C ILE A 213 12.61 -18.59 6.12
N HIS A 214 12.04 -19.54 5.39
CA HIS A 214 11.00 -19.28 4.40
C HIS A 214 9.66 -19.66 5.03
N SER A 215 8.73 -18.70 5.08
CA SER A 215 7.49 -18.92 5.81
C SER A 215 6.65 -20.03 5.19
N GLY A 216 6.59 -20.08 3.86
CA GLY A 216 5.83 -21.14 3.20
C GLY A 216 6.38 -22.51 3.46
N ASP A 217 7.71 -22.66 3.34
CA ASP A 217 8.33 -23.96 3.61
C ASP A 217 8.16 -24.38 5.06
N ALA A 218 8.25 -23.42 5.99
CA ALA A 218 8.08 -23.76 7.39
C ALA A 218 6.66 -24.22 7.73
N ILE A 219 5.63 -23.59 7.17
CA ILE A 219 4.21 -23.93 7.50
C ILE A 219 3.93 -25.31 6.87
N VAL A 220 4.50 -25.61 5.72
CA VAL A 220 4.32 -26.92 5.07
C VAL A 220 4.87 -28.04 5.95
N GLU A 221 6.09 -27.84 6.45
CA GLU A 221 6.73 -28.88 7.25
C GLU A 221 5.94 -29.11 8.54
N TYR A 222 5.49 -28.02 9.17
CA TYR A 222 4.69 -28.10 10.39
C TYR A 222 3.41 -28.90 10.17
N LEU A 223 2.72 -28.63 9.06
CA LEU A 223 1.45 -29.33 8.78
C LEU A 223 1.66 -30.83 8.56
N GLN A 224 2.77 -31.22 7.92
CA GLN A 224 3.06 -32.64 7.76
C GLN A 224 3.17 -33.34 9.11
N GLN A 225 3.86 -32.71 10.06
CA GLN A 225 4.03 -33.27 11.39
C GLN A 225 2.71 -33.23 12.15
N LYS A 226 2.02 -32.08 12.16
CA LYS A 226 0.86 -31.98 13.03
C LYS A 226 -0.25 -32.91 12.57
N TYR A 227 -0.44 -33.04 11.26
CA TYR A 227 -1.57 -33.78 10.71
C TYR A 227 -1.19 -35.04 9.93
N THR A 228 0.09 -35.41 9.90
CA THR A 228 0.51 -36.64 9.22
C THR A 228 0.01 -36.67 7.77
N LEU A 229 0.51 -35.70 6.99
CA LEU A 229 0.07 -35.49 5.62
C LEU A 229 1.18 -35.95 4.67
N LYS A 230 0.84 -36.88 3.77
CA LYS A 230 1.78 -37.34 2.77
C LYS A 230 1.95 -36.33 1.64
N LYS A 231 3.20 -36.12 1.23
CA LYS A 231 3.51 -35.35 0.05
C LYS A 231 3.19 -36.18 -1.21
N ASN A 232 3.02 -35.49 -2.33
CA ASN A 232 2.74 -36.18 -3.64
C ASN A 232 1.46 -36.98 -3.50
N ALA A 233 0.48 -36.51 -2.73
CA ALA A 233 -0.80 -37.19 -2.58
C ALA A 233 -1.90 -36.60 -3.46
N CYS A 234 -1.65 -35.46 -4.10
CA CYS A 234 -2.57 -34.88 -5.08
C CYS A 234 -1.71 -34.21 -6.15
N THR A 235 -1.76 -34.71 -7.38
CA THR A 235 -0.75 -34.35 -8.35
C THR A 235 -1.06 -32.98 -8.94
N PHE A 236 -2.34 -32.65 -8.98
CA PHE A 236 -2.93 -31.42 -9.52
C PHE A 236 -3.89 -30.85 -8.50
N PRO A 237 -3.43 -30.25 -7.40
CA PRO A 237 -4.45 -29.75 -6.49
C PRO A 237 -5.26 -28.69 -7.22
N LYS A 238 -6.52 -28.63 -6.79
CA LYS A 238 -7.50 -27.62 -7.16
C LYS A 238 -7.40 -26.39 -6.28
N VAL A 239 -7.14 -25.27 -6.94
CA VAL A 239 -7.01 -23.98 -6.31
C VAL A 239 -8.06 -23.07 -6.92
N GLU A 240 -8.81 -22.41 -6.06
CA GLU A 240 -9.84 -21.48 -6.48
C GLU A 240 -9.33 -20.16 -5.92
N PHE A 241 -9.51 -19.09 -6.68
CA PHE A 241 -9.02 -17.78 -6.29
C PHE A 241 -10.17 -16.83 -6.09
N HIS A 242 -10.14 -16.12 -4.97
CA HIS A 242 -11.14 -15.14 -4.62
C HIS A 242 -10.41 -13.91 -4.12
N ALA A 243 -11.02 -12.76 -4.33
CA ALA A 243 -10.39 -11.50 -3.99
C ALA A 243 -11.46 -10.50 -3.65
N SER A 244 -11.11 -9.56 -2.78
CA SER A 244 -12.00 -8.43 -2.51
C SER A 244 -11.89 -7.40 -3.62
N GLY A 245 -10.76 -7.32 -4.29
CA GLY A 245 -10.62 -6.54 -5.51
C GLY A 245 -10.89 -7.40 -6.72
N ASP A 246 -10.39 -6.95 -7.86
CA ASP A 246 -10.65 -7.67 -9.11
C ASP A 246 -9.99 -9.05 -9.04
N VAL A 247 -10.80 -10.09 -9.13
CA VAL A 247 -10.25 -11.44 -9.02
C VAL A 247 -9.39 -11.77 -10.24
N VAL A 248 -9.72 -11.22 -11.40
CA VAL A 248 -8.93 -11.49 -12.60
C VAL A 248 -7.52 -10.91 -12.42
N TRP A 249 -7.42 -9.70 -11.85
CA TRP A 249 -6.12 -9.14 -11.52
C TRP A 249 -5.36 -10.06 -10.59
N LEU A 250 -6.04 -10.63 -9.60
CA LEU A 250 -5.34 -11.46 -8.63
C LEU A 250 -4.94 -12.79 -9.24
N GLU A 251 -5.78 -13.35 -10.13
CA GLU A 251 -5.40 -14.60 -10.78
C GLU A 251 -4.24 -14.41 -11.75
N LYS A 252 -4.21 -13.28 -12.46
CA LYS A 252 -3.08 -12.97 -13.34
C LYS A 252 -1.80 -12.82 -12.54
N GLN A 253 -1.88 -12.21 -11.34
CA GLN A 253 -0.70 -12.12 -10.49
C GLN A 253 -0.27 -13.50 -10.02
N ALA A 254 -1.24 -14.36 -9.73
CA ALA A 254 -0.91 -15.72 -9.32
C ALA A 254 -0.11 -16.42 -10.40
N LYS A 255 -0.48 -16.24 -11.66
CA LYS A 255 0.30 -16.84 -12.74
C LYS A 255 1.78 -16.43 -12.65
N GLU A 256 2.05 -15.16 -12.38
CA GLU A 256 3.42 -14.66 -12.22
C GLU A 256 4.08 -15.17 -10.95
N TRP A 257 3.40 -15.02 -9.82
CA TRP A 257 4.00 -15.40 -8.54
C TRP A 257 4.26 -16.90 -8.44
N LEU A 258 3.48 -17.73 -9.13
CA LEU A 258 3.59 -19.17 -8.92
C LEU A 258 4.56 -19.82 -9.90
N LYS A 259 5.07 -19.07 -10.87
CA LYS A 259 6.00 -19.59 -11.86
C LYS A 259 7.31 -18.85 -11.60
N LEU A 260 7.73 -18.83 -10.34
CA LEU A 260 8.81 -17.99 -9.88
C LEU A 260 9.54 -18.65 -8.70
N HIS B 5 -20.25 24.98 1.06
CA HIS B 5 -20.78 26.35 1.36
C HIS B 5 -20.27 26.84 2.72
N MET B 6 -20.70 26.19 3.80
CA MET B 6 -20.19 26.46 5.14
C MET B 6 -19.50 25.23 5.71
N LYS B 7 -20.16 24.08 5.67
CA LYS B 7 -19.65 22.86 6.30
C LYS B 7 -19.36 21.93 5.13
N ILE B 8 -18.12 21.54 4.98
CA ILE B 8 -17.70 20.72 3.85
C ILE B 8 -17.10 19.43 4.35
N GLY B 9 -17.11 18.44 3.48
CA GLY B 9 -16.40 17.20 3.70
C GLY B 9 -15.19 17.15 2.79
N VAL B 10 -14.14 16.50 3.26
CA VAL B 10 -12.95 16.21 2.47
C VAL B 10 -12.69 14.72 2.55
N PHE B 11 -12.66 14.07 1.40
CA PHE B 11 -12.47 12.63 1.32
C PHE B 11 -11.14 12.32 0.66
N ASP B 12 -10.40 11.40 1.26
CA ASP B 12 -9.16 10.92 0.67
C ASP B 12 -9.02 9.45 1.01
N SER B 13 -8.16 8.76 0.24
CA SER B 13 -7.85 7.36 0.55
C SER B 13 -7.15 7.22 1.90
N GLY B 14 -6.46 8.26 2.34
CA GLY B 14 -5.72 8.17 3.58
C GLY B 14 -5.23 9.50 4.10
N VAL B 15 -3.91 9.63 4.26
CA VAL B 15 -3.32 10.87 4.75
C VAL B 15 -2.81 11.77 3.63
N GLY B 16 -2.74 11.28 2.39
CA GLY B 16 -2.35 12.13 1.29
C GLY B 16 -3.21 13.37 1.14
N GLY B 17 -4.50 13.25 1.45
CA GLY B 17 -5.41 14.36 1.29
C GLY B 17 -5.05 15.56 2.14
N PHE B 18 -4.20 15.37 3.14
CA PHE B 18 -3.70 16.50 3.92
C PHE B 18 -2.98 17.53 3.06
N SER B 19 -2.46 17.13 1.90
CA SER B 19 -1.88 18.13 1.00
C SER B 19 -2.95 19.09 0.49
N VAL B 20 -4.14 18.57 0.22
CA VAL B 20 -5.26 19.42 -0.19
C VAL B 20 -5.80 20.18 1.02
N LEU B 21 -5.96 19.50 2.14
CA LEU B 21 -6.41 20.16 3.36
C LEU B 21 -5.49 21.30 3.75
N LYS B 22 -4.17 21.10 3.62
CA LYS B 22 -3.23 22.17 3.91
C LYS B 22 -3.54 23.40 3.06
N SER B 23 -3.75 23.20 1.76
CA SER B 23 -4.12 24.32 0.90
C SER B 23 -5.42 24.97 1.39
N LEU B 24 -6.41 24.15 1.76
CA LEU B 24 -7.69 24.71 2.20
C LEU B 24 -7.51 25.51 3.48
N LEU B 25 -6.69 25.02 4.41
CA LEU B 25 -6.57 25.73 5.68
C LEU B 25 -5.80 27.03 5.50
N LYS B 26 -4.77 27.02 4.64
CA LYS B 26 -4.00 28.22 4.40
C LYS B 26 -4.87 29.31 3.79
N ALA B 27 -5.82 28.93 2.94
CA ALA B 27 -6.72 29.89 2.32
C ALA B 27 -7.80 30.39 3.26
N GLN B 28 -8.08 29.68 4.35
CA GLN B 28 -9.01 30.17 5.37
C GLN B 28 -10.36 30.55 4.76
N ILE B 29 -10.91 29.67 3.94
CA ILE B 29 -12.15 29.97 3.24
C ILE B 29 -13.34 29.19 3.80
N PHE B 30 -13.11 28.09 4.53
CA PHE B 30 -14.18 27.31 5.11
C PHE B 30 -14.07 27.37 6.63
N ASP B 31 -15.22 27.31 7.30
CA ASP B 31 -15.27 27.37 8.75
C ASP B 31 -15.24 25.99 9.39
N LYS B 32 -15.79 24.99 8.71
CA LYS B 32 -15.93 23.64 9.27
C LYS B 32 -15.60 22.65 8.16
N ILE B 33 -14.65 21.76 8.43
CA ILE B 33 -14.20 20.75 7.50
C ILE B 33 -14.26 19.39 8.17
N ILE B 34 -14.93 18.45 7.53
CA ILE B 34 -14.99 17.06 7.99
C ILE B 34 -14.08 16.28 7.04
N TYR B 35 -12.92 15.87 7.54
CA TYR B 35 -11.95 15.12 6.79
C TYR B 35 -12.12 13.63 7.08
N TYR B 36 -12.13 12.82 6.02
CA TYR B 36 -12.30 11.37 6.16
C TYR B 36 -11.27 10.69 5.27
N GLY B 37 -10.36 9.94 5.90
CA GLY B 37 -9.38 9.17 5.17
C GLY B 37 -9.66 7.68 5.34
N ASP B 38 -9.70 6.98 4.21
CA ASP B 38 -10.02 5.55 4.19
C ASP B 38 -8.75 4.75 4.47
N SER B 39 -8.12 5.08 5.61
CA SER B 39 -6.78 4.61 5.91
C SER B 39 -6.71 3.11 6.13
N ALA B 40 -7.84 2.46 6.34
CA ALA B 40 -7.86 1.00 6.41
C ALA B 40 -7.59 0.37 5.05
N ARG B 41 -7.92 1.07 3.97
CA ARG B 41 -7.88 0.53 2.62
C ARG B 41 -6.90 1.22 1.69
N VAL B 42 -6.31 2.35 2.11
CA VAL B 42 -5.27 3.02 1.33
C VAL B 42 -4.19 2.00 0.99
N PRO B 43 -3.57 2.08 -0.20
CA PRO B 43 -3.84 3.04 -1.28
C PRO B 43 -4.94 2.57 -2.23
N TYR B 44 -5.46 3.50 -3.03
CA TYR B 44 -6.39 3.20 -4.10
C TYR B 44 -5.68 3.00 -5.43
N GLY B 45 -4.51 3.63 -5.59
CA GLY B 45 -3.85 3.75 -6.88
C GLY B 45 -3.39 2.44 -7.49
N THR B 46 -3.20 1.40 -6.67
CA THR B 46 -2.73 0.12 -7.17
C THR B 46 -3.87 -0.85 -7.43
N LYS B 47 -5.11 -0.38 -7.31
CA LYS B 47 -6.30 -1.21 -7.35
C LYS B 47 -7.10 -0.88 -8.60
N ASP B 48 -8.21 -1.57 -8.77
CA ASP B 48 -8.91 -1.62 -10.04
C ASP B 48 -10.08 -0.65 -10.03
N PRO B 49 -10.55 -0.23 -11.21
CA PRO B 49 -11.61 0.80 -11.24
C PRO B 49 -12.88 0.39 -10.52
N THR B 50 -13.28 -0.88 -10.62
CA THR B 50 -14.49 -1.33 -9.93
C THR B 50 -14.34 -1.17 -8.42
N THR B 51 -13.22 -1.65 -7.87
CA THR B 51 -12.99 -1.51 -6.43
C THR B 51 -13.02 -0.03 -6.03
N ILE B 52 -12.30 0.80 -6.78
CA ILE B 52 -12.18 2.21 -6.44
C ILE B 52 -13.53 2.91 -6.56
N LYS B 53 -14.32 2.55 -7.57
CA LYS B 53 -15.67 3.15 -7.78
C LYS B 53 -16.49 2.83 -6.54
N GLN B 54 -16.45 1.58 -6.06
CA GLN B 54 -17.22 1.21 -4.89
C GLN B 54 -16.72 1.92 -3.65
N PHE B 55 -15.40 2.11 -3.53
CA PHE B 55 -14.87 2.90 -2.42
C PHE B 55 -15.45 4.31 -2.41
N GLY B 56 -15.60 4.92 -3.59
CA GLY B 56 -16.14 6.26 -3.64
C GLY B 56 -17.58 6.34 -3.19
N LEU B 57 -18.41 5.39 -3.63
CA LEU B 57 -19.80 5.39 -3.19
C LEU B 57 -19.91 5.17 -1.69
N GLU B 58 -19.06 4.32 -1.12
CA GLU B 58 -19.11 4.09 0.31
C GLU B 58 -18.67 5.33 1.09
N ALA B 59 -17.73 6.10 0.55
CA ALA B 59 -17.36 7.35 1.21
C ALA B 59 -18.56 8.27 1.35
N LEU B 60 -19.44 8.29 0.34
CA LEU B 60 -20.65 9.11 0.43
C LEU B 60 -21.51 8.71 1.62
N ASP B 61 -21.61 7.41 1.89
CA ASP B 61 -22.35 6.96 3.06
C ASP B 61 -21.75 7.51 4.34
N PHE B 62 -20.43 7.62 4.41
CA PHE B 62 -19.83 8.14 5.63
C PHE B 62 -20.29 9.56 5.94
N PHE B 63 -20.39 10.40 4.91
CA PHE B 63 -20.66 11.81 5.17
C PHE B 63 -22.14 12.10 5.36
N LYS B 64 -23.01 11.12 5.12
CA LYS B 64 -24.44 11.37 5.19
C LYS B 64 -24.86 11.92 6.55
N PRO B 65 -24.48 11.31 7.68
CA PRO B 65 -24.87 11.86 8.99
C PRO B 65 -24.20 13.18 9.34
N HIS B 66 -23.18 13.63 8.60
CA HIS B 66 -22.46 14.84 8.96
C HIS B 66 -23.09 16.07 8.36
N LYS B 67 -24.06 15.89 7.45
CA LYS B 67 -24.84 16.99 6.87
C LYS B 67 -23.95 18.03 6.21
N ILE B 68 -23.00 17.56 5.41
CA ILE B 68 -22.14 18.47 4.68
C ILE B 68 -22.91 19.04 3.49
N GLU B 69 -22.47 20.20 3.04
CA GLU B 69 -23.07 20.89 1.89
C GLU B 69 -22.18 20.75 0.66
N LEU B 70 -20.93 20.33 0.87
CA LEU B 70 -19.98 20.08 -0.20
C LEU B 70 -18.97 19.02 0.23
N LEU B 71 -18.66 18.12 -0.70
CA LEU B 71 -17.65 17.10 -0.50
C LEU B 71 -16.53 17.40 -1.49
N ILE B 72 -15.33 17.59 -0.97
CA ILE B 72 -14.13 17.66 -1.79
C ILE B 72 -13.55 16.25 -1.85
N VAL B 73 -13.38 15.73 -3.07
CA VAL B 73 -12.60 14.52 -3.27
C VAL B 73 -11.16 14.94 -3.50
N ALA B 74 -10.36 14.91 -2.42
CA ALA B 74 -8.97 15.32 -2.50
C ALA B 74 -8.13 14.29 -3.24
N CYS B 75 -8.55 13.02 -3.19
CA CYS B 75 -7.82 11.94 -3.84
C CYS B 75 -7.90 12.06 -5.36
N ASN B 76 -6.74 12.06 -6.01
CA ASN B 76 -6.73 12.12 -7.46
C ASN B 76 -7.20 10.81 -8.07
N THR B 77 -6.91 9.69 -7.42
CA THR B 77 -7.37 8.40 -7.93
C THR B 77 -8.89 8.30 -7.88
N ALA B 78 -9.49 8.59 -6.71
CA ALA B 78 -10.93 8.58 -6.61
C ALA B 78 -11.56 9.61 -7.54
N SER B 79 -10.91 10.76 -7.69
CA SER B 79 -11.41 11.77 -8.62
C SER B 79 -11.45 11.24 -10.04
N ALA B 80 -10.36 10.57 -10.46
CA ALA B 80 -10.27 10.09 -11.83
C ALA B 80 -11.27 8.97 -12.12
N LEU B 81 -11.56 8.12 -11.14
CA LEU B 81 -12.33 6.90 -11.40
C LEU B 81 -13.73 6.91 -10.80
N ALA B 82 -13.96 7.61 -9.71
CA ALA B 82 -15.19 7.47 -8.97
C ALA B 82 -16.04 8.73 -8.93
N LEU B 83 -15.53 9.86 -9.42
CA LEU B 83 -16.20 11.12 -9.16
C LEU B 83 -17.58 11.13 -9.78
N GLU B 84 -17.67 10.70 -11.03
CA GLU B 84 -18.94 10.73 -11.77
C GLU B 84 -20.00 9.84 -11.13
N GLU B 85 -19.62 8.61 -10.78
CA GLU B 85 -20.55 7.72 -10.10
C GLU B 85 -20.97 8.27 -8.74
N MET B 86 -20.02 8.84 -8.00
CA MET B 86 -20.32 9.47 -6.72
C MET B 86 -21.37 10.57 -6.90
N GLN B 87 -21.16 11.42 -7.90
CA GLN B 87 -22.09 12.53 -8.15
C GLN B 87 -23.49 12.04 -8.47
N LYS B 88 -23.61 10.96 -9.24
CA LYS B 88 -24.94 10.47 -9.59
C LYS B 88 -25.73 10.05 -8.36
N HIS B 89 -25.06 9.53 -7.34
CA HIS B 89 -25.74 9.04 -6.14
C HIS B 89 -25.75 10.07 -5.01
N SER B 90 -25.52 11.34 -5.32
CA SER B 90 -25.34 12.36 -4.29
C SER B 90 -26.25 13.54 -4.54
N LYS B 91 -26.86 14.03 -3.46
CA LYS B 91 -27.70 15.22 -3.47
C LYS B 91 -26.92 16.51 -3.25
N ILE B 92 -25.65 16.41 -2.89
CA ILE B 92 -24.79 17.59 -2.71
C ILE B 92 -23.71 17.62 -3.78
N PRO B 93 -23.15 18.80 -4.08
CA PRO B 93 -22.04 18.87 -5.04
C PRO B 93 -20.78 18.14 -4.57
N ILE B 94 -20.15 17.44 -5.50
CA ILE B 94 -18.86 16.80 -5.27
C ILE B 94 -17.84 17.40 -6.23
N VAL B 95 -16.71 17.84 -5.69
CA VAL B 95 -15.65 18.49 -6.46
C VAL B 95 -14.38 17.65 -6.31
N GLY B 96 -13.84 17.19 -7.44
CA GLY B 96 -12.58 16.48 -7.42
C GLY B 96 -11.42 17.42 -7.71
N VAL B 97 -10.21 16.85 -7.72
CA VAL B 97 -9.02 17.67 -7.85
C VAL B 97 -8.44 17.61 -9.25
N ILE B 98 -9.13 16.97 -10.19
CA ILE B 98 -8.63 16.85 -11.53
C ILE B 98 -9.09 18.02 -12.38
N GLU B 99 -10.39 18.22 -12.43
CA GLU B 99 -10.96 19.26 -13.26
C GLU B 99 -10.43 20.63 -12.86
N PRO B 100 -10.33 20.96 -11.57
CA PRO B 100 -9.74 22.26 -11.17
C PRO B 100 -8.31 22.44 -11.63
N SER B 101 -7.54 21.35 -11.70
CA SER B 101 -6.17 21.44 -12.17
C SER B 101 -6.10 21.73 -13.65
N ILE B 102 -7.04 21.19 -14.43
CA ILE B 102 -7.10 21.56 -15.84
C ILE B 102 -7.30 23.07 -15.98
N LEU B 103 -8.19 23.64 -15.15
CA LEU B 103 -8.44 25.08 -15.22
C LEU B 103 -7.20 25.87 -14.86
N ALA B 104 -6.45 25.41 -13.85
CA ALA B 104 -5.21 26.10 -13.48
C ALA B 104 -4.21 26.07 -14.62
N ILE B 105 -4.18 24.96 -15.36
CA ILE B 105 -3.29 24.84 -16.52
C ILE B 105 -3.77 25.76 -17.63
N LYS B 106 -5.07 25.76 -17.92
CA LYS B 106 -5.68 26.65 -18.96
C LYS B 106 -5.24 28.07 -18.63
N GLN B 107 -5.17 28.41 -17.34
CA GLN B 107 -4.88 29.76 -16.90
C GLN B 107 -3.39 30.08 -16.91
N GLN B 108 -2.54 29.08 -16.68
CA GLN B 108 -1.09 29.28 -16.54
C GLN B 108 -0.30 28.83 -17.76
N VAL B 109 -0.89 28.08 -18.68
CA VAL B 109 -0.18 27.51 -19.82
C VAL B 109 -0.84 27.95 -21.12
N LYS B 110 -0.51 29.14 -21.59
CA LYS B 110 -1.15 29.67 -22.77
C LYS B 110 -0.66 28.94 -24.03
N ASP B 111 0.57 28.43 -24.00
CA ASP B 111 1.10 27.64 -25.12
C ASP B 111 0.51 26.25 -25.06
N LYS B 112 -0.49 25.98 -25.88
CA LYS B 112 -1.11 24.66 -25.90
C LYS B 112 -0.16 23.56 -26.37
N ASN B 113 1.00 23.90 -26.93
CA ASN B 113 1.99 22.91 -27.33
C ASN B 113 3.10 22.71 -26.31
N ALA B 114 3.05 23.41 -25.19
CA ALA B 114 4.04 23.25 -24.13
C ALA B 114 4.05 21.79 -23.69
N PRO B 115 5.22 21.17 -23.50
CA PRO B 115 5.19 19.77 -23.06
C PRO B 115 4.76 19.70 -21.61
N ILE B 116 3.78 18.83 -21.37
CA ILE B 116 3.18 18.63 -20.07
C ILE B 116 3.40 17.18 -19.68
N LEU B 117 3.84 16.96 -18.45
CA LEU B 117 3.95 15.61 -17.89
C LEU B 117 3.00 15.49 -16.71
N VAL B 118 2.09 14.52 -16.80
CA VAL B 118 1.16 14.21 -15.72
C VAL B 118 1.75 13.08 -14.90
N LEU B 119 1.88 13.30 -13.59
CA LEU B 119 2.31 12.28 -12.65
C LEU B 119 1.15 11.85 -11.76
N GLY B 120 1.02 10.55 -11.55
CA GLY B 120 -0.01 10.05 -10.67
C GLY B 120 0.16 8.57 -10.44
N THR B 121 -0.84 8.00 -9.76
CA THR B 121 -0.86 6.56 -9.51
C THR B 121 -1.12 5.81 -10.81
N LYS B 122 -0.89 4.49 -10.77
CA LYS B 122 -1.19 3.67 -11.94
C LYS B 122 -2.68 3.78 -12.31
N ALA B 123 -3.56 3.75 -11.32
CA ALA B 123 -4.98 3.81 -11.65
C ALA B 123 -5.33 5.17 -12.26
N THR B 124 -4.82 6.24 -11.68
CA THR B 124 -5.06 7.57 -12.23
C THR B 124 -4.56 7.67 -13.67
N ILE B 125 -3.31 7.28 -13.90
CA ILE B 125 -2.74 7.34 -15.24
C ILE B 125 -3.49 6.40 -16.18
N GLN B 126 -3.80 5.18 -15.73
CA GLN B 126 -4.51 4.26 -16.60
C GLN B 126 -5.87 4.82 -17.01
N SER B 127 -6.50 5.62 -16.14
CA SER B 127 -7.81 6.14 -16.50
C SER B 127 -7.70 7.15 -17.64
N ASN B 128 -6.52 7.73 -17.85
CA ASN B 128 -6.29 8.80 -18.82
C ASN B 128 -7.15 10.03 -18.56
N ALA B 129 -7.68 10.20 -17.35
CA ALA B 129 -8.57 11.33 -17.10
C ALA B 129 -7.87 12.66 -17.38
N TYR B 130 -6.59 12.77 -17.02
CA TYR B 130 -5.88 14.03 -17.24
C TYR B 130 -5.62 14.25 -18.73
N ASP B 131 -5.10 13.23 -19.41
CA ASP B 131 -4.86 13.32 -20.85
C ASP B 131 -6.14 13.66 -21.60
N ASN B 132 -7.24 13.00 -21.26
CA ASN B 132 -8.50 13.27 -21.93
C ASN B 132 -8.98 14.70 -21.64
N ALA B 133 -8.90 15.14 -20.39
CA ALA B 133 -9.28 16.50 -20.08
C ALA B 133 -8.37 17.50 -20.79
N LEU B 134 -7.07 17.21 -20.83
CA LEU B 134 -6.14 18.15 -21.46
C LEU B 134 -6.36 18.20 -22.97
N LYS B 135 -6.53 17.03 -23.61
CA LYS B 135 -6.82 17.00 -25.04
C LYS B 135 -8.07 17.81 -25.35
N GLN B 136 -9.10 17.67 -24.49
CA GLN B 136 -10.35 18.39 -24.63
C GLN B 136 -10.14 19.90 -24.65
N GLN B 137 -9.02 20.38 -24.13
CA GLN B 137 -8.70 21.79 -24.14
C GLN B 137 -7.67 22.21 -25.17
N GLY B 138 -7.26 21.33 -26.10
CA GLY B 138 -6.30 21.73 -27.12
C GLY B 138 -4.83 21.51 -26.84
N TYR B 139 -4.49 20.83 -25.75
CA TYR B 139 -3.13 20.49 -25.36
C TYR B 139 -2.64 19.20 -26.00
N LEU B 140 -1.70 19.31 -26.96
CA LEU B 140 -1.27 18.18 -27.83
C LEU B 140 0.00 17.51 -27.32
N ASN B 141 0.89 18.26 -26.65
CA ASN B 141 2.18 17.70 -26.24
C ASN B 141 2.12 17.18 -24.78
N VAL B 142 1.42 16.06 -24.58
CA VAL B 142 1.07 15.64 -23.23
C VAL B 142 1.56 14.21 -23.03
N SER B 143 2.32 14.00 -21.96
CA SER B 143 2.76 12.68 -21.52
C SER B 143 2.22 12.38 -20.13
N HIS B 144 2.00 11.09 -19.86
CA HIS B 144 1.56 10.63 -18.55
C HIS B 144 2.56 9.61 -18.02
N LEU B 145 2.80 9.64 -16.71
CA LEU B 145 3.76 8.75 -16.05
C LEU B 145 3.19 8.29 -14.73
N ALA B 146 2.96 6.99 -14.59
CA ALA B 146 2.63 6.40 -13.31
C ALA B 146 3.88 6.30 -12.44
N THR B 147 3.90 6.99 -11.32
CA THR B 147 5.02 6.94 -10.38
C THR B 147 4.56 6.31 -9.06
N SER B 148 4.20 5.03 -9.14
CA SER B 148 3.49 4.37 -8.05
C SER B 148 4.29 4.45 -6.76
N LEU B 149 5.59 4.16 -6.85
CA LEU B 149 6.44 4.05 -5.67
C LEU B 149 6.63 5.37 -4.92
N PHE B 150 6.30 6.51 -5.51
CA PHE B 150 6.36 7.75 -4.76
C PHE B 150 5.44 7.73 -3.55
N VAL B 151 4.28 7.08 -3.66
CA VAL B 151 3.28 7.10 -2.61
C VAL B 151 3.83 6.43 -1.36
N PRO B 152 4.28 5.17 -1.44
CA PRO B 152 4.82 4.52 -0.23
C PRO B 152 6.09 5.18 0.27
N LEU B 153 6.91 5.72 -0.62
CA LEU B 153 8.11 6.43 -0.18
C LEU B 153 7.74 7.65 0.64
N ILE B 154 6.75 8.43 0.18
CA ILE B 154 6.38 9.65 0.89
C ILE B 154 5.75 9.31 2.24
N GLU B 155 4.92 8.27 2.29
CA GLU B 155 4.30 7.85 3.54
C GLU B 155 5.32 7.32 4.54
N GLU B 156 6.44 6.77 4.08
CA GLU B 156 7.51 6.40 5.00
C GLU B 156 8.38 7.59 5.38
N ASN B 157 7.94 8.80 5.04
CA ASN B 157 8.64 10.04 5.38
C ASN B 157 10.02 10.07 4.73
N ILE B 158 10.13 9.52 3.53
CA ILE B 158 11.37 9.54 2.76
C ILE B 158 11.15 10.63 1.70
N LEU B 159 11.47 11.85 2.07
CA LEU B 159 11.25 13.03 1.28
C LEU B 159 12.56 13.57 0.76
N GLU B 160 13.65 12.86 1.06
CA GLU B 160 14.99 13.24 0.66
C GLU B 160 15.89 12.01 0.75
N GLY B 161 17.13 12.18 0.30
CA GLY B 161 18.18 11.19 0.37
C GLY B 161 18.24 10.29 -0.84
N GLU B 162 19.16 9.33 -0.76
CA GLU B 162 19.54 8.56 -1.94
C GLU B 162 18.43 7.64 -2.43
N LEU B 163 17.65 7.06 -1.51
CA LEU B 163 16.58 6.16 -1.91
C LEU B 163 15.56 6.86 -2.80
N LEU B 164 15.14 8.06 -2.40
CA LEU B 164 14.23 8.85 -3.22
C LEU B 164 14.86 9.24 -4.56
N GLU B 165 16.13 9.65 -4.53
CA GLU B 165 16.79 10.04 -5.78
C GLU B 165 16.85 8.88 -6.75
N THR B 166 17.20 7.69 -6.26
CA THR B 166 17.21 6.52 -7.13
C THR B 166 15.82 6.25 -7.70
N CYS B 167 14.76 6.46 -6.90
CA CYS B 167 13.40 6.19 -7.37
C CYS B 167 12.98 7.18 -8.45
N MET B 168 13.29 8.46 -8.29
CA MET B 168 13.02 9.42 -9.36
C MET B 168 13.79 9.06 -10.62
N ARG B 169 15.04 8.65 -10.47
CA ARG B 169 15.89 8.26 -11.61
C ARG B 169 15.24 7.03 -12.27
N TYR B 170 14.61 6.13 -11.51
CA TYR B 170 13.95 4.95 -12.05
C TYR B 170 12.78 5.35 -12.94
N TYR B 171 11.98 6.32 -12.49
CA TYR B 171 10.79 6.73 -13.22
C TYR B 171 11.10 7.73 -14.33
N PHE B 172 12.09 8.61 -14.15
CA PHE B 172 12.20 9.71 -15.09
C PHE B 172 13.17 9.42 -16.24
N THR B 173 14.17 8.55 -16.04
CA THR B 173 15.19 8.33 -17.07
C THR B 173 14.53 7.98 -18.41
N PRO B 174 13.39 7.27 -18.40
CA PRO B 174 12.71 6.89 -19.66
C PRO B 174 11.97 8.03 -20.35
N LEU B 175 11.93 9.23 -19.78
CA LEU B 175 11.14 10.31 -20.35
C LEU B 175 11.74 10.75 -21.67
N GLU B 176 10.88 10.91 -22.70
CA GLU B 176 11.32 11.35 -24.05
C GLU B 176 11.13 12.87 -24.15
N ILE B 177 10.03 13.41 -23.58
CA ILE B 177 9.72 14.82 -23.67
C ILE B 177 10.27 15.57 -22.46
N LEU B 178 11.23 16.49 -22.59
CA LEU B 178 11.65 17.29 -21.40
C LEU B 178 10.45 18.20 -21.08
N PRO B 179 9.62 17.94 -20.03
CA PRO B 179 8.46 18.79 -19.76
C PRO B 179 8.80 20.20 -19.30
N GLU B 180 7.96 21.13 -19.75
CA GLU B 180 7.90 22.50 -19.25
C GLU B 180 6.92 22.64 -18.10
N VAL B 181 5.97 21.72 -17.97
CA VAL B 181 4.96 21.74 -16.92
C VAL B 181 4.82 20.31 -16.42
N VAL B 182 4.82 20.14 -15.09
CA VAL B 182 4.57 18.86 -14.45
C VAL B 182 3.34 18.96 -13.56
N ILE B 183 2.31 18.17 -13.87
CA ILE B 183 1.10 18.11 -13.07
C ILE B 183 1.35 17.10 -11.94
N LEU B 184 1.20 17.53 -10.70
CA LEU B 184 1.29 16.63 -9.55
C LEU B 184 -0.06 15.96 -9.30
N GLY B 185 -0.37 14.99 -10.16
CA GLY B 185 -1.69 14.39 -10.14
C GLY B 185 -1.85 13.34 -9.07
N CYS B 186 -1.32 13.62 -7.87
CA CYS B 186 -1.39 12.68 -6.75
C CYS B 186 -1.23 13.49 -5.47
N THR B 187 -2.06 13.17 -4.48
CA THR B 187 -2.06 13.94 -3.24
C THR B 187 -0.68 14.02 -2.60
N HIS B 188 0.16 12.99 -2.81
CA HIS B 188 1.40 12.89 -2.06
C HIS B 188 2.54 13.69 -2.67
N PHE B 189 2.47 13.95 -3.98
CA PHE B 189 3.63 14.44 -4.71
C PHE B 189 4.04 15.86 -4.33
N PRO B 190 3.14 16.71 -3.83
CA PRO B 190 3.59 18.02 -3.34
C PRO B 190 4.71 17.94 -2.32
N LEU B 191 4.73 16.90 -1.49
CA LEU B 191 5.76 16.77 -0.47
C LEU B 191 7.14 16.56 -1.05
N ILE B 192 7.23 16.20 -2.33
CA ILE B 192 8.51 16.08 -3.02
C ILE B 192 8.58 17.03 -4.21
N ALA B 193 7.74 18.05 -4.21
CA ALA B 193 7.68 18.98 -5.33
C ALA B 193 9.04 19.60 -5.60
N GLN B 194 9.67 20.13 -4.55
CA GLN B 194 10.97 20.76 -4.70
C GLN B 194 12.01 19.75 -5.14
N LYS B 195 11.90 18.52 -4.64
CA LYS B 195 12.79 17.46 -5.06
C LYS B 195 12.61 17.17 -6.54
N ILE B 196 11.36 17.20 -7.03
CA ILE B 196 11.10 16.95 -8.44
C ILE B 196 11.69 18.07 -9.28
N GLU B 197 11.49 19.31 -8.84
CA GLU B 197 12.13 20.46 -9.49
C GLU B 197 13.66 20.27 -9.48
N GLY B 198 14.21 19.95 -8.30
CA GLY B 198 15.65 19.72 -8.18
C GLY B 198 16.18 18.66 -9.12
N TYR B 199 15.42 17.59 -9.34
CA TYR B 199 15.89 16.52 -10.21
C TYR B 199 16.05 17.02 -11.63
N PHE B 200 15.04 17.68 -12.15
CA PHE B 200 15.10 18.11 -13.53
C PHE B 200 16.25 19.12 -13.70
N MET B 201 16.43 20.01 -12.70
CA MET B 201 17.51 20.99 -12.73
C MET B 201 18.87 20.31 -12.84
N GLU B 202 19.07 19.20 -12.13
CA GLU B 202 20.34 18.49 -12.16
C GLU B 202 20.54 17.70 -13.46
N HIS B 203 19.65 16.73 -13.70
CA HIS B 203 19.83 15.73 -14.75
C HIS B 203 19.54 16.28 -16.15
N PHE B 204 19.12 17.54 -16.31
CA PHE B 204 18.85 18.18 -17.65
C PHE B 204 19.38 19.62 -17.68
N ALA B 205 20.22 20.03 -16.72
CA ALA B 205 20.85 21.38 -16.68
C ALA B 205 19.92 22.56 -17.03
N LEU B 206 18.84 22.81 -16.27
CA LEU B 206 17.96 24.01 -16.45
C LEU B 206 18.28 25.13 -15.47
N SER B 207 17.83 26.38 -15.72
CA SER B 207 17.98 27.55 -14.80
C SER B 207 16.67 27.76 -14.05
N THR B 208 15.50 27.57 -14.71
CA THR B 208 14.19 27.66 -14.09
C THR B 208 13.52 26.29 -14.15
N PRO B 209 12.81 25.89 -13.11
CA PRO B 209 12.29 24.53 -13.07
C PRO B 209 11.03 24.46 -13.91
N PRO B 210 10.55 23.27 -14.25
CA PRO B 210 9.21 23.20 -14.85
C PRO B 210 8.19 23.87 -13.95
N LEU B 211 7.06 24.26 -14.55
CA LEU B 211 5.93 24.73 -13.75
C LEU B 211 5.33 23.49 -13.09
N LEU B 212 5.13 23.55 -11.78
CA LEU B 212 4.53 22.45 -11.05
C LEU B 212 3.08 22.84 -10.79
N ILE B 213 2.13 21.94 -11.06
CA ILE B 213 0.73 22.20 -10.77
C ILE B 213 0.38 21.45 -9.50
N HIS B 214 0.07 22.20 -8.45
CA HIS B 214 -0.35 21.64 -7.18
C HIS B 214 -1.86 21.49 -7.16
N SER B 215 -2.32 20.26 -6.92
CA SER B 215 -3.77 19.99 -6.98
C SER B 215 -4.53 20.78 -5.92
N GLY B 216 -3.96 20.93 -4.74
CA GLY B 216 -4.68 21.61 -3.68
C GLY B 216 -4.82 23.08 -3.97
N ASP B 217 -3.75 23.71 -4.44
CA ASP B 217 -3.83 25.12 -4.82
C ASP B 217 -4.84 25.32 -5.94
N ALA B 218 -4.87 24.39 -6.90
CA ALA B 218 -5.83 24.49 -8.00
C ALA B 218 -7.27 24.46 -7.51
N ILE B 219 -7.59 23.55 -6.61
CA ILE B 219 -8.97 23.42 -6.16
C ILE B 219 -9.37 24.60 -5.28
N VAL B 220 -8.42 25.13 -4.51
CA VAL B 220 -8.70 26.31 -3.68
C VAL B 220 -9.15 27.48 -4.55
N GLU B 221 -8.34 27.87 -5.54
CA GLU B 221 -8.80 28.89 -6.47
C GLU B 221 -10.17 28.57 -7.04
N TYR B 222 -10.35 27.35 -7.55
CA TYR B 222 -11.64 26.97 -8.09
C TYR B 222 -12.76 27.18 -7.09
N LEU B 223 -12.58 26.69 -5.86
CA LEU B 223 -13.65 26.81 -4.87
C LEU B 223 -13.91 28.25 -4.42
N GLN B 224 -12.86 29.06 -4.24
CA GLN B 224 -13.11 30.44 -3.81
C GLN B 224 -13.93 31.18 -4.86
N GLN B 225 -13.61 30.97 -6.13
CA GLN B 225 -14.33 31.60 -7.23
C GLN B 225 -15.74 31.04 -7.40
N LYS B 226 -15.92 29.73 -7.18
CA LYS B 226 -17.20 29.08 -7.49
C LYS B 226 -18.24 29.41 -6.44
N TYR B 227 -17.84 29.57 -5.20
CA TYR B 227 -18.73 29.80 -4.07
C TYR B 227 -18.50 31.21 -3.53
N THR B 228 -17.64 31.97 -4.21
CA THR B 228 -17.27 33.34 -3.86
C THR B 228 -17.03 33.47 -2.37
N LEU B 229 -16.05 32.69 -1.89
CA LEU B 229 -15.67 32.70 -0.49
C LEU B 229 -14.54 33.70 -0.26
N LYS B 230 -14.57 34.34 0.92
CA LYS B 230 -13.59 35.36 1.30
C LYS B 230 -12.35 34.71 1.93
N LYS B 231 -11.22 34.78 1.23
CA LYS B 231 -9.96 34.29 1.79
C LYS B 231 -9.58 35.06 3.05
N ASN B 232 -8.97 34.35 4.01
CA ASN B 232 -8.58 34.93 5.30
C ASN B 232 -9.77 35.32 6.15
N ALA B 233 -10.94 34.75 5.88
CA ALA B 233 -12.10 34.95 6.73
C ALA B 233 -12.12 34.20 8.06
N CYS B 234 -12.29 32.89 8.02
CA CYS B 234 -12.20 32.07 9.23
C CYS B 234 -10.73 31.81 9.57
N THR B 235 -10.24 32.38 10.65
CA THR B 235 -8.81 32.33 10.93
C THR B 235 -8.34 31.00 11.48
N PHE B 236 -9.26 30.25 12.07
CA PHE B 236 -8.98 28.97 12.75
C PHE B 236 -10.07 28.01 12.34
N PRO B 237 -10.09 27.49 11.11
CA PRO B 237 -11.22 26.63 10.78
C PRO B 237 -11.23 25.39 11.66
N LYS B 238 -12.43 24.84 11.78
CA LYS B 238 -12.69 23.59 12.46
C LYS B 238 -12.52 22.40 11.54
N VAL B 239 -11.65 21.50 11.96
CA VAL B 239 -11.30 20.31 11.22
C VAL B 239 -11.53 19.12 12.13
N GLU B 240 -12.37 18.20 11.68
CA GLU B 240 -12.68 16.98 12.40
C GLU B 240 -11.99 15.92 11.56
N PHE B 241 -11.32 14.98 12.20
CA PHE B 241 -10.67 13.89 11.50
C PHE B 241 -11.37 12.59 11.79
N HIS B 242 -11.67 11.85 10.73
CA HIS B 242 -12.24 10.53 10.80
C HIS B 242 -11.44 9.63 9.86
N ALA B 243 -11.38 8.36 10.22
CA ALA B 243 -10.63 7.41 9.42
C ALA B 243 -11.30 6.05 9.56
N SER B 244 -11.07 5.20 8.56
CA SER B 244 -11.52 3.82 8.66
C SER B 244 -10.53 3.00 9.46
N GLY B 245 -9.26 3.39 9.45
CA GLY B 245 -8.26 2.85 10.33
C GLY B 245 -8.24 3.62 11.63
N ASP B 246 -7.11 3.53 12.33
CA ASP B 246 -6.95 4.19 13.63
C ASP B 246 -6.90 5.70 13.44
N VAL B 247 -7.94 6.39 13.93
CA VAL B 247 -8.01 7.83 13.70
C VAL B 247 -6.89 8.57 14.43
N VAL B 248 -6.44 8.07 15.58
CA VAL B 248 -5.27 8.66 16.24
C VAL B 248 -4.06 8.61 15.32
N TRP B 249 -3.88 7.49 14.60
CA TRP B 249 -2.77 7.39 13.66
C TRP B 249 -2.91 8.42 12.55
N LEU B 250 -4.13 8.61 12.04
CA LEU B 250 -4.32 9.56 10.95
C LEU B 250 -4.08 10.98 11.46
N GLU B 251 -4.53 11.28 12.68
CA GLU B 251 -4.40 12.64 13.27
C GLU B 251 -2.91 12.92 13.50
N LYS B 252 -2.13 11.91 13.91
CA LYS B 252 -0.70 12.13 14.10
C LYS B 252 -0.01 12.48 12.78
N GLN B 253 -0.30 11.75 11.71
CA GLN B 253 0.24 12.11 10.41
C GLN B 253 -0.20 13.50 9.99
N ALA B 254 -1.45 13.85 10.26
CA ALA B 254 -1.94 15.18 9.90
C ALA B 254 -1.03 16.27 10.47
N LYS B 255 -0.65 16.13 11.74
CA LYS B 255 0.26 17.10 12.37
C LYS B 255 1.52 17.30 11.54
N GLU B 256 2.09 16.21 11.03
CA GLU B 256 3.32 16.27 10.24
C GLU B 256 3.04 16.81 8.85
N TRP B 257 2.00 16.31 8.18
CA TRP B 257 1.72 16.73 6.81
C TRP B 257 1.30 18.20 6.76
N LEU B 258 0.62 18.69 7.77
CA LEU B 258 0.12 20.06 7.73
C LEU B 258 1.21 21.06 8.11
N LYS B 259 2.29 20.60 8.73
CA LYS B 259 3.41 21.49 9.07
C LYS B 259 4.04 22.05 7.81
#